data_2OKD
#
_entry.id   2OKD
#
_cell.length_a   120.010
_cell.length_b   120.010
_cell.length_c   50.300
_cell.angle_alpha   90.00
_cell.angle_beta   90.00
_cell.angle_gamma   120.00
#
_symmetry.space_group_name_H-M   'P 65'
#
loop_
_entity.id
_entity.type
_entity.pdbx_description
1 polymer "Deoxyuridine 5'-triphosphate nucleotidohydrolase"
2 non-polymer 'CHLORIDE ION'
3 non-polymer 1,2-ETHANEDIOL
4 water water
#
_entity_poly.entity_id   1
_entity_poly.type   'polypeptide(L)'
_entity_poly.pdbx_seq_one_letter_code
;MFNMNINSPVRFVKETNRAKSPTRQSPGAAGYDLYSAYDYTIPPGERQLIKTDISMSMPKFCYGRIAPRSGLSLKGIDIG
GGVIDEDYRGNIGVILINNGKCTFNVNTGDRIAQLIYQRIYYPELEEVQSLDSTNRGDQGFGSTGLR
;
_entity_poly.pdbx_strand_id   A,B,C
#
# COMPACT_ATOMS: atom_id res chain seq x y z
N PRO A 9 3.36 -11.26 22.05
CA PRO A 9 4.36 -10.22 22.30
C PRO A 9 5.48 -10.26 21.26
N VAL A 10 5.55 -9.23 20.44
CA VAL A 10 6.55 -9.12 19.39
C VAL A 10 7.90 -8.74 19.98
N ARG A 11 8.85 -9.67 19.90
N ARG A 11 8.85 -9.67 19.89
CA ARG A 11 10.21 -9.42 20.36
CA ARG A 11 10.21 -9.44 20.35
C ARG A 11 11.00 -8.69 19.27
C ARG A 11 11.01 -8.70 19.27
N PHE A 12 11.84 -7.74 19.69
CA PHE A 12 12.71 -7.03 18.77
C PHE A 12 14.12 -6.86 19.34
N VAL A 13 15.09 -6.67 18.45
CA VAL A 13 16.49 -6.54 18.83
C VAL A 13 17.11 -5.31 18.19
N LYS A 14 17.99 -4.65 18.94
CA LYS A 14 18.78 -3.53 18.43
C LYS A 14 20.15 -4.01 17.96
N GLU A 15 20.45 -3.73 16.70
CA GLU A 15 21.75 -4.07 16.11
C GLU A 15 22.83 -3.17 16.71
N THR A 16 22.45 -1.94 17.02
CA THR A 16 23.34 -0.97 17.67
C THR A 16 22.55 -0.16 18.69
N ASN A 17 23.27 0.59 19.53
CA ASN A 17 22.67 1.58 20.43
C ASN A 17 22.01 2.74 19.69
N ARG A 18 22.31 2.85 18.39
CA ARG A 18 21.79 3.91 17.53
C ARG A 18 20.31 3.72 17.20
N ALA A 19 19.82 2.50 17.36
CA ALA A 19 18.41 2.19 17.17
C ALA A 19 17.54 2.81 18.26
N LYS A 20 16.46 3.45 17.85
CA LYS A 20 15.40 3.87 18.76
C LYS A 20 14.31 2.80 18.79
N SER A 21 13.84 2.46 19.99
CA SER A 21 12.75 1.51 20.12
C SER A 21 11.49 2.09 19.48
N PRO A 22 10.85 1.32 18.57
CA PRO A 22 9.62 1.82 17.94
C PRO A 22 8.59 2.26 18.98
N THR A 23 7.97 3.42 18.74
CA THR A 23 7.04 4.01 19.68
C THR A 23 5.58 3.88 19.22
N ARG A 24 4.67 3.86 20.18
CA ARG A 24 3.23 3.95 19.92
C ARG A 24 2.67 5.06 20.82
N GLN A 25 2.07 6.07 20.21
CA GLN A 25 1.74 7.30 20.95
C GLN A 25 0.29 7.47 21.37
N SER A 26 -0.62 6.69 20.77
CA SER A 26 -2.03 6.67 21.18
C SER A 26 -2.72 5.33 20.86
N PRO A 27 -3.79 4.99 21.59
CA PRO A 27 -4.56 3.76 21.38
C PRO A 27 -5.19 3.63 19.99
N GLY A 28 -5.28 4.74 19.27
CA GLY A 28 -5.89 4.76 17.94
C GLY A 28 -4.92 4.98 16.81
N ALA A 29 -3.62 4.83 17.10
CA ALA A 29 -2.58 4.90 16.08
C ALA A 29 -2.57 3.59 15.29
N ALA A 30 -2.29 3.67 14.00
CA ALA A 30 -2.31 2.49 13.13
C ALA A 30 -1.22 1.47 13.46
N GLY A 31 -0.15 1.92 14.10
CA GLY A 31 0.97 1.04 14.42
C GLY A 31 2.05 1.66 15.28
N TYR A 32 3.28 1.62 14.76
CA TYR A 32 4.47 2.01 15.50
C TYR A 32 5.39 2.90 14.66
N ASP A 33 5.91 3.96 15.27
CA ASP A 33 6.83 4.84 14.57
C ASP A 33 8.21 4.18 14.41
N LEU A 34 8.79 4.35 13.21
CA LEU A 34 10.13 3.89 12.94
C LEU A 34 11.05 5.10 12.79
N TYR A 35 12.28 4.94 13.29
CA TYR A 35 13.24 6.04 13.35
C TYR A 35 14.54 5.66 12.65
N SER A 36 15.08 6.59 11.88
CA SER A 36 16.42 6.45 11.30
C SER A 36 17.46 6.25 12.40
N ALA A 37 18.42 5.36 12.15
CA ALA A 37 19.56 5.15 13.05
C ALA A 37 20.80 5.87 12.53
N TYR A 38 20.73 6.38 11.30
CA TYR A 38 21.86 7.05 10.65
C TYR A 38 21.47 8.37 9.95
N ASP A 39 22.48 9.18 9.63
CA ASP A 39 22.29 10.38 8.82
C ASP A 39 22.26 10.03 7.34
N TYR A 40 21.36 10.67 6.60
CA TYR A 40 21.22 10.42 5.16
C TYR A 40 20.92 11.70 4.40
N THR A 41 21.23 11.70 3.11
CA THR A 41 20.95 12.82 2.22
C THR A 41 20.41 12.27 0.91
N ILE A 42 19.13 12.48 0.66
CA ILE A 42 18.50 11.97 -0.55
C ILE A 42 18.18 13.12 -1.50
N PRO A 43 18.88 13.17 -2.65
CA PRO A 43 18.63 14.19 -3.67
C PRO A 43 17.28 13.99 -4.36
N PRO A 44 16.77 15.03 -5.02
CA PRO A 44 15.49 14.95 -5.74
C PRO A 44 15.50 13.85 -6.78
N GLY A 45 14.41 13.09 -6.86
CA GLY A 45 14.28 12.00 -7.82
C GLY A 45 15.12 10.77 -7.51
N GLU A 46 15.53 10.63 -6.26
CA GLU A 46 16.39 9.52 -5.83
C GLU A 46 15.80 8.83 -4.60
N ARG A 47 16.08 7.53 -4.47
CA ARG A 47 15.63 6.77 -3.31
C ARG A 47 16.78 6.24 -2.46
N GLN A 48 16.54 6.17 -1.15
CA GLN A 48 17.56 5.74 -0.21
C GLN A 48 17.00 4.72 0.77
N LEU A 49 17.75 3.64 1.00
CA LEU A 49 17.40 2.68 2.04
C LEU A 49 17.87 3.21 3.38
N ILE A 50 16.92 3.55 4.24
CA ILE A 50 17.21 4.04 5.58
C ILE A 50 17.20 2.87 6.58
N LYS A 51 18.33 2.65 7.23
CA LYS A 51 18.45 1.60 8.25
C LYS A 51 17.91 2.07 9.58
N THR A 52 17.06 1.26 10.20
CA THR A 52 16.51 1.55 11.52
C THR A 52 17.34 0.88 12.63
N ASP A 53 18.14 -0.12 12.23
CA ASP A 53 18.92 -0.96 13.14
C ASP A 53 18.03 -1.75 14.11
N ILE A 54 16.80 -2.03 13.68
CA ILE A 54 15.86 -2.87 14.43
C ILE A 54 15.55 -4.11 13.59
N SER A 55 15.60 -5.27 14.25
CA SER A 55 15.06 -6.51 13.70
C SER A 55 14.01 -7.03 14.65
N MET A 56 13.00 -7.72 14.13
CA MET A 56 11.97 -8.29 15.00
C MET A 56 11.43 -9.64 14.56
N SER A 57 10.87 -10.38 15.50
CA SER A 57 10.17 -11.64 15.19
C SER A 57 8.68 -11.35 15.05
N MET A 58 8.22 -11.35 13.79
CA MET A 58 6.88 -10.90 13.43
C MET A 58 5.77 -11.92 13.78
N PRO A 59 4.57 -11.42 14.17
CA PRO A 59 3.45 -12.28 14.58
C PRO A 59 2.87 -13.09 13.41
N LYS A 60 2.15 -14.16 13.74
CA LYS A 60 1.59 -15.08 12.74
C LYS A 60 0.42 -14.48 11.98
N PHE A 61 0.31 -14.82 10.70
CA PHE A 61 -0.73 -14.31 9.79
C PHE A 61 -0.76 -12.78 9.76
N CYS A 62 0.42 -12.20 9.67
CA CYS A 62 0.62 -10.77 9.52
C CYS A 62 1.77 -10.53 8.58
N TYR A 63 1.82 -9.32 8.04
CA TYR A 63 3.07 -8.74 7.62
C TYR A 63 3.12 -7.34 8.19
N GLY A 64 4.33 -6.81 8.34
CA GLY A 64 4.51 -5.44 8.73
C GLY A 64 4.62 -4.60 7.48
N ARG A 65 3.75 -3.62 7.35
CA ARG A 65 3.87 -2.64 6.29
C ARG A 65 4.63 -1.44 6.81
N ILE A 66 5.73 -1.11 6.14
CA ILE A 66 6.35 0.19 6.28
C ILE A 66 5.38 1.16 5.61
N ALA A 67 4.69 1.96 6.42
CA ALA A 67 3.64 2.83 5.89
C ALA A 67 4.01 4.30 6.01
N PRO A 68 3.56 5.13 5.05
CA PRO A 68 3.94 6.53 5.03
C PRO A 68 3.39 7.31 6.22
N ARG A 69 4.17 8.28 6.67
CA ARG A 69 3.65 9.35 7.49
C ARG A 69 3.08 10.40 6.54
N SER A 70 1.93 10.96 6.88
CA SER A 70 1.26 11.92 6.00
C SER A 70 2.10 13.18 5.77
N GLY A 71 2.72 13.67 6.83
CA GLY A 71 3.55 14.87 6.78
C GLY A 71 4.72 14.79 5.80
N LEU A 72 5.30 13.60 5.67
CA LEU A 72 6.41 13.38 4.75
C LEU A 72 5.90 13.20 3.34
N SER A 73 4.83 12.41 3.21
CA SER A 73 4.11 12.27 1.94
C SER A 73 3.77 13.63 1.33
N LEU A 74 3.27 14.53 2.17
CA LEU A 74 2.91 15.88 1.75
C LEU A 74 4.11 16.70 1.27
N LYS A 75 5.31 16.29 1.69
CA LYS A 75 6.56 16.91 1.25
C LYS A 75 7.15 16.18 0.03
N GLY A 76 6.47 15.13 -0.41
CA GLY A 76 6.89 14.38 -1.59
C GLY A 76 7.79 13.19 -1.28
N ILE A 77 7.73 12.71 -0.05
CA ILE A 77 8.57 11.60 0.38
C ILE A 77 7.72 10.32 0.46
N ASP A 78 7.88 9.48 -0.55
CA ASP A 78 7.07 8.28 -0.66
C ASP A 78 7.83 7.06 -0.16
N ILE A 79 7.11 5.96 0.07
CA ILE A 79 7.70 4.71 0.58
C ILE A 79 7.87 3.67 -0.54
N GLY A 80 9.11 3.24 -0.73
CA GLY A 80 9.40 2.14 -1.67
C GLY A 80 9.29 0.78 -0.99
N GLY A 81 8.78 -0.20 -1.73
CA GLY A 81 8.63 -1.55 -1.20
C GLY A 81 7.82 -1.57 0.08
N GLY A 82 8.43 -2.06 1.16
CA GLY A 82 7.87 -1.97 2.50
C GLY A 82 7.10 -3.16 3.04
N VAL A 83 7.25 -4.32 2.42
CA VAL A 83 6.57 -5.52 2.92
C VAL A 83 7.53 -6.31 3.79
N ILE A 84 7.31 -6.26 5.11
CA ILE A 84 8.12 -7.03 6.06
C ILE A 84 7.47 -8.40 6.27
N ASP A 85 8.12 -9.42 5.74
CA ASP A 85 7.58 -10.78 5.84
C ASP A 85 7.60 -11.28 7.27
N GLU A 86 6.67 -12.18 7.56
CA GLU A 86 6.55 -12.80 8.88
C GLU A 86 7.85 -13.47 9.31
N ASP A 87 8.60 -13.99 8.36
CA ASP A 87 9.86 -14.65 8.67
C ASP A 87 11.06 -13.88 8.14
N TYR A 88 10.94 -12.55 8.14
CA TYR A 88 12.09 -11.66 7.95
C TYR A 88 12.67 -11.31 9.32
N ARG A 89 13.92 -11.72 9.56
CA ARG A 89 14.56 -11.51 10.85
C ARG A 89 15.82 -10.63 10.73
N GLY A 90 15.96 -9.95 9.59
CA GLY A 90 17.07 -9.04 9.35
C GLY A 90 16.79 -7.60 9.78
N ASN A 91 17.78 -6.73 9.53
CA ASN A 91 17.68 -5.29 9.82
C ASN A 91 16.55 -4.65 8.99
N ILE A 92 15.60 -4.02 9.67
CA ILE A 92 14.46 -3.39 8.98
C ILE A 92 14.87 -2.06 8.35
N GLY A 93 14.76 -1.99 7.03
CA GLY A 93 15.10 -0.79 6.28
C GLY A 93 13.85 -0.12 5.74
N VAL A 94 13.92 1.20 5.54
CA VAL A 94 12.81 1.96 4.98
C VAL A 94 13.30 2.62 3.71
N ILE A 95 12.74 2.22 2.57
CA ILE A 95 13.08 2.84 1.28
C ILE A 95 12.30 4.15 1.17
N LEU A 96 13.01 5.26 1.32
CA LEU A 96 12.42 6.59 1.16
C LEU A 96 12.69 7.13 -0.25
N ILE A 97 11.62 7.42 -0.97
CA ILE A 97 11.69 7.94 -2.32
C ILE A 97 11.50 9.45 -2.25
N ASN A 98 12.54 10.20 -2.58
CA ASN A 98 12.43 11.65 -2.62
C ASN A 98 11.83 12.11 -3.94
N ASN A 99 10.50 12.26 -3.95
CA ASN A 99 9.80 12.75 -5.13
C ASN A 99 9.49 14.25 -5.07
N GLY A 100 10.25 14.95 -4.22
CA GLY A 100 10.17 16.41 -4.16
C GLY A 100 11.16 17.07 -5.10
N LYS A 101 11.34 18.37 -4.94
CA LYS A 101 12.25 19.14 -5.78
C LYS A 101 13.54 19.48 -5.04
N CYS A 102 13.48 19.42 -3.71
CA CYS A 102 14.62 19.73 -2.84
C CYS A 102 15.27 18.47 -2.30
N THR A 103 16.57 18.56 -2.02
CA THR A 103 17.29 17.52 -1.28
C THR A 103 16.61 17.29 0.07
N PHE A 104 16.31 16.02 0.37
CA PHE A 104 15.73 15.66 1.66
C PHE A 104 16.77 15.05 2.63
N ASN A 105 16.84 15.63 3.83
CA ASN A 105 17.78 15.19 4.85
C ASN A 105 17.15 14.38 5.95
N VAL A 106 17.77 13.23 6.23
CA VAL A 106 17.37 12.35 7.32
C VAL A 106 18.47 12.35 8.37
N ASN A 107 18.13 12.78 9.58
CA ASN A 107 19.06 12.74 10.70
C ASN A 107 18.80 11.53 11.58
N THR A 108 19.82 11.11 12.32
CA THR A 108 19.71 10.01 13.27
C THR A 108 18.64 10.33 14.32
N GLY A 109 17.61 9.47 14.40
CA GLY A 109 16.54 9.65 15.37
C GLY A 109 15.25 10.24 14.80
N ASP A 110 15.26 10.55 13.52
CA ASP A 110 14.08 11.11 12.85
C ASP A 110 13.03 10.04 12.56
N ARG A 111 11.78 10.38 12.80
CA ARG A 111 10.65 9.51 12.47
C ARG A 111 10.52 9.47 10.94
N ILE A 112 10.52 8.26 10.39
CA ILE A 112 10.55 8.06 8.92
C ILE A 112 9.33 7.31 8.37
N ALA A 113 8.59 6.64 9.25
CA ALA A 113 7.48 5.76 8.87
C ALA A 113 6.75 5.20 10.07
N GLN A 114 5.59 4.62 9.80
CA GLN A 114 4.86 3.84 10.80
C GLN A 114 4.75 2.38 10.33
N LEU A 115 5.12 1.46 11.21
CA LEU A 115 5.00 0.05 10.93
C LEU A 115 3.58 -0.38 11.30
N ILE A 116 2.90 -1.01 10.37
CA ILE A 116 1.53 -1.48 10.59
C ILE A 116 1.45 -3.00 10.43
N TYR A 117 1.06 -3.67 11.50
CA TYR A 117 0.87 -5.11 11.50
C TYR A 117 -0.47 -5.44 10.85
N GLN A 118 -0.40 -5.97 9.64
CA GLN A 118 -1.57 -6.13 8.81
C GLN A 118 -2.01 -7.58 8.74
N ARG A 119 -3.24 -7.85 9.19
CA ARG A 119 -3.76 -9.21 9.26
C ARG A 119 -3.99 -9.75 7.85
N ILE A 120 -3.39 -10.90 7.58
CA ILE A 120 -3.49 -11.50 6.26
C ILE A 120 -3.89 -12.96 6.35
N TYR A 121 -4.08 -13.57 5.18
CA TYR A 121 -4.59 -14.91 5.09
C TYR A 121 -3.67 -15.69 4.16
N TYR A 122 -3.42 -16.96 4.47
CA TYR A 122 -2.53 -17.79 3.65
C TYR A 122 -3.28 -18.97 3.03
N PRO A 123 -4.08 -18.74 1.98
CA PRO A 123 -4.84 -19.84 1.41
C PRO A 123 -3.98 -20.83 0.64
N GLU A 124 -4.47 -22.05 0.49
CA GLU A 124 -3.92 -22.99 -0.47
C GLU A 124 -4.48 -22.61 -1.83
N LEU A 125 -3.62 -22.61 -2.85
CA LEU A 125 -4.05 -22.32 -4.21
C LEU A 125 -4.25 -23.61 -5.00
N GLU A 126 -5.49 -23.82 -5.44
CA GLU A 126 -5.84 -25.02 -6.21
C GLU A 126 -6.17 -24.64 -7.65
N GLU A 127 -5.33 -25.07 -8.58
CA GLU A 127 -5.59 -24.81 -9.99
C GLU A 127 -6.84 -25.55 -10.46
N VAL A 128 -7.69 -24.83 -11.18
CA VAL A 128 -8.91 -25.40 -11.72
C VAL A 128 -8.98 -25.19 -13.23
N GLN A 129 -9.92 -25.89 -13.86
CA GLN A 129 -10.13 -25.84 -15.29
C GLN A 129 -10.80 -24.52 -15.69
N SER A 130 -11.80 -24.11 -14.89
CA SER A 130 -12.46 -22.83 -15.06
C SER A 130 -13.14 -22.41 -13.76
N LEU A 131 -13.29 -21.11 -13.56
CA LEU A 131 -14.02 -20.57 -12.40
C LEU A 131 -15.51 -20.46 -12.76
N ASP A 132 -15.93 -19.25 -13.17
CA ASP A 132 -17.27 -19.00 -13.75
C ASP A 132 -17.32 -17.67 -14.50
N PRO B 9 -20.73 -0.81 12.63
CA PRO B 9 -21.30 0.35 11.94
C PRO B 9 -20.40 1.58 12.04
N VAL B 10 -20.21 2.26 10.92
CA VAL B 10 -19.38 3.45 10.87
C VAL B 10 -20.26 4.69 10.70
N ARG B 11 -20.03 5.69 11.54
CA ARG B 11 -20.73 6.97 11.44
C ARG B 11 -19.87 7.95 10.67
N PHE B 12 -20.46 8.63 9.70
CA PHE B 12 -19.76 9.71 8.98
C PHE B 12 -20.55 11.02 8.95
N VAL B 13 -19.81 12.13 8.83
CA VAL B 13 -20.40 13.46 8.75
C VAL B 13 -20.02 14.14 7.44
N LYS B 14 -21.01 14.74 6.78
CA LYS B 14 -20.75 15.68 5.68
C LYS B 14 -20.46 17.06 6.28
N GLU B 15 -19.25 17.58 6.04
CA GLU B 15 -18.88 18.90 6.54
C GLU B 15 -19.54 20.02 5.74
N THR B 16 -19.76 19.76 4.46
CA THR B 16 -20.49 20.67 3.57
C THR B 16 -21.43 19.86 2.69
N ASN B 17 -22.37 20.54 2.04
CA ASN B 17 -23.27 19.90 1.06
C ASN B 17 -22.53 19.42 -0.19
N ARG B 18 -21.29 19.90 -0.38
CA ARG B 18 -20.43 19.47 -1.48
C ARG B 18 -19.89 18.04 -1.30
N ALA B 19 -20.03 17.51 -0.08
CA ALA B 19 -19.59 16.16 0.24
C ALA B 19 -20.58 15.11 -0.24
N LYS B 20 -20.05 13.99 -0.75
CA LYS B 20 -20.87 12.86 -1.18
C LYS B 20 -20.61 11.65 -0.28
N SER B 21 -21.69 10.95 0.07
CA SER B 21 -21.59 9.70 0.84
C SER B 21 -20.72 8.68 0.14
N PRO B 22 -19.73 8.11 0.87
CA PRO B 22 -18.92 7.05 0.30
C PRO B 22 -19.77 5.81 0.07
N THR B 23 -19.59 5.18 -1.09
CA THR B 23 -20.36 4.02 -1.48
C THR B 23 -19.43 2.93 -2.00
N ARG B 24 -19.82 1.67 -1.79
CA ARG B 24 -19.20 0.56 -2.51
C ARG B 24 -19.96 0.37 -3.81
N GLN B 25 -19.24 -0.03 -4.86
CA GLN B 25 -19.84 -0.24 -6.17
C GLN B 25 -20.60 -1.55 -6.27
N SER B 26 -19.93 -2.64 -5.88
CA SER B 26 -20.50 -3.98 -5.95
C SER B 26 -20.36 -4.68 -4.59
N PRO B 27 -21.14 -5.76 -4.36
CA PRO B 27 -21.08 -6.44 -3.08
C PRO B 27 -19.69 -6.99 -2.75
N GLY B 28 -18.88 -7.20 -3.78
CA GLY B 28 -17.52 -7.71 -3.62
C GLY B 28 -16.44 -6.66 -3.77
N ALA B 29 -16.83 -5.39 -3.71
CA ALA B 29 -15.87 -4.29 -3.85
C ALA B 29 -15.01 -4.16 -2.59
N ALA B 30 -13.71 -3.94 -2.79
CA ALA B 30 -12.76 -3.84 -1.69
C ALA B 30 -12.92 -2.56 -0.85
N GLY B 31 -12.99 -1.42 -1.53
CA GLY B 31 -13.10 -0.13 -0.86
C GLY B 31 -14.39 0.63 -1.13
N TYR B 32 -14.59 1.69 -0.34
CA TYR B 32 -15.74 2.59 -0.48
C TYR B 32 -15.26 3.82 -1.25
N ASP B 33 -16.01 4.21 -2.27
CA ASP B 33 -15.59 5.29 -3.17
C ASP B 33 -15.51 6.63 -2.48
N LEU B 34 -14.38 7.32 -2.68
CA LEU B 34 -14.19 8.68 -2.19
C LEU B 34 -14.23 9.69 -3.34
N TYR B 35 -14.77 10.86 -3.05
CA TYR B 35 -15.02 11.88 -4.06
C TYR B 35 -14.42 13.21 -3.67
N SER B 36 -14.02 13.99 -4.67
CA SER B 36 -13.55 15.35 -4.45
C SER B 36 -14.71 16.28 -4.13
N ALA B 37 -14.57 17.07 -3.07
CA ALA B 37 -15.56 18.06 -2.70
C ALA B 37 -15.31 19.41 -3.37
N TYR B 38 -14.17 19.55 -4.06
CA TYR B 38 -13.75 20.81 -4.68
C TYR B 38 -13.05 20.59 -6.03
N ASP B 39 -12.86 21.67 -6.78
CA ASP B 39 -12.12 21.62 -8.03
C ASP B 39 -10.61 21.74 -7.78
N TYR B 40 -9.83 20.97 -8.54
CA TYR B 40 -8.38 20.98 -8.42
C TYR B 40 -7.70 20.84 -9.78
N THR B 41 -6.42 21.23 -9.81
CA THR B 41 -5.60 21.11 -11.00
C THR B 41 -4.23 20.63 -10.54
N ILE B 42 -3.77 19.51 -11.09
CA ILE B 42 -2.50 18.92 -10.66
C ILE B 42 -1.51 18.88 -11.82
N PRO B 43 -0.40 19.64 -11.69
CA PRO B 43 0.68 19.61 -12.69
C PRO B 43 1.42 18.27 -12.66
N PRO B 44 1.98 17.85 -13.82
CA PRO B 44 2.78 16.62 -13.86
C PRO B 44 3.97 16.71 -12.91
N GLY B 45 4.25 15.64 -12.18
CA GLY B 45 5.36 15.63 -11.23
C GLY B 45 5.08 16.46 -9.99
N GLU B 46 3.80 16.68 -9.70
CA GLU B 46 3.36 17.39 -8.50
C GLU B 46 2.25 16.58 -7.83
N ARG B 47 1.95 16.92 -6.58
CA ARG B 47 0.89 16.26 -5.83
C ARG B 47 -0.07 17.27 -5.23
N GLN B 48 -1.25 16.79 -4.83
CA GLN B 48 -2.26 17.67 -4.29
C GLN B 48 -3.10 16.92 -3.26
N LEU B 49 -3.24 17.52 -2.09
CA LEU B 49 -4.15 17.03 -1.08
C LEU B 49 -5.58 17.42 -1.47
N ILE B 50 -6.43 16.41 -1.69
CA ILE B 50 -7.83 16.62 -2.06
C ILE B 50 -8.72 16.44 -0.83
N LYS B 51 -9.61 17.39 -0.61
CA LYS B 51 -10.57 17.31 0.50
C LYS B 51 -11.86 16.63 0.06
N THR B 52 -12.35 15.73 0.91
CA THR B 52 -13.59 14.99 0.63
C THR B 52 -14.78 15.63 1.34
N ASP B 53 -14.47 16.42 2.37
CA ASP B 53 -15.48 16.97 3.29
C ASP B 53 -16.30 15.88 3.98
N ILE B 54 -15.66 14.74 4.19
CA ILE B 54 -16.22 13.62 4.94
C ILE B 54 -15.29 13.31 6.09
N SER B 55 -15.81 13.37 7.31
CA SER B 55 -15.08 12.88 8.48
C SER B 55 -15.83 11.68 9.02
N MET B 56 -15.13 10.72 9.62
CA MET B 56 -15.79 9.49 10.09
C MET B 56 -15.15 8.84 11.32
N SER B 57 -15.90 7.95 11.96
CA SER B 57 -15.43 7.17 13.11
C SER B 57 -14.94 5.80 12.64
N MET B 58 -13.64 5.55 12.77
CA MET B 58 -13.04 4.32 12.26
C MET B 58 -13.35 3.12 13.17
N PRO B 59 -13.60 1.94 12.58
CA PRO B 59 -13.84 0.73 13.38
C PRO B 59 -12.62 0.33 14.22
N LYS B 60 -12.87 -0.49 15.24
CA LYS B 60 -11.84 -0.96 16.16
C LYS B 60 -10.93 -1.97 15.48
N PHE B 61 -9.64 -1.92 15.81
CA PHE B 61 -8.61 -2.81 15.26
C PHE B 61 -8.54 -2.70 13.72
N CYS B 62 -8.66 -1.47 13.24
N CYS B 62 -8.69 -1.47 13.24
CA CYS B 62 -8.76 -1.19 11.81
CA CYS B 62 -8.74 -1.19 11.81
C CYS B 62 -8.14 0.15 11.45
C CYS B 62 -8.04 0.12 11.47
N TYR B 63 -7.78 0.31 10.18
CA TYR B 63 -7.39 1.60 9.64
C TYR B 63 -7.88 1.66 8.20
N GLY B 64 -8.21 2.87 7.76
CA GLY B 64 -8.62 3.09 6.39
C GLY B 64 -7.40 3.30 5.52
N ARG B 65 -7.27 2.47 4.49
CA ARG B 65 -6.25 2.71 3.47
C ARG B 65 -6.92 3.52 2.38
N ILE B 66 -6.36 4.68 2.08
CA ILE B 66 -6.71 5.39 0.87
C ILE B 66 -5.97 4.64 -0.24
N ALA B 67 -6.74 3.91 -1.02
CA ALA B 67 -6.21 3.10 -2.10
C ALA B 67 -6.65 3.64 -3.46
N PRO B 68 -5.82 3.43 -4.49
CA PRO B 68 -6.12 3.92 -5.83
C PRO B 68 -7.29 3.24 -6.54
N ARG B 69 -7.96 4.00 -7.38
CA ARG B 69 -8.76 3.44 -8.47
C ARG B 69 -7.75 3.04 -9.55
N SER B 70 -7.85 1.80 -10.02
CA SER B 70 -6.92 1.28 -11.01
C SER B 70 -6.96 2.04 -12.34
N GLY B 71 -8.13 2.60 -12.69
CA GLY B 71 -8.31 3.41 -13.89
C GLY B 71 -7.50 4.69 -13.92
N LEU B 72 -7.41 5.37 -12.78
CA LEU B 72 -6.59 6.56 -12.66
C LEU B 72 -5.11 6.19 -12.63
N SER B 73 -4.80 5.04 -12.02
CA SER B 73 -3.44 4.51 -11.95
C SER B 73 -2.83 4.21 -13.32
N LEU B 74 -3.68 3.84 -14.28
CA LEU B 74 -3.26 3.57 -15.64
C LEU B 74 -2.95 4.88 -16.38
N LYS B 75 -3.52 5.97 -15.91
CA LYS B 75 -3.27 7.32 -16.45
C LYS B 75 -2.11 8.01 -15.72
N GLY B 76 -1.43 7.26 -14.85
CA GLY B 76 -0.26 7.75 -14.12
C GLY B 76 -0.56 8.37 -12.76
N ILE B 77 -1.83 8.38 -12.35
CA ILE B 77 -2.21 8.99 -11.08
C ILE B 77 -2.04 7.99 -9.94
N ASP B 78 -1.28 8.39 -8.92
CA ASP B 78 -1.00 7.53 -7.77
C ASP B 78 -1.41 8.18 -6.46
N ILE B 79 -1.43 7.38 -5.40
CA ILE B 79 -1.85 7.82 -4.09
C ILE B 79 -0.62 8.02 -3.19
N GLY B 80 -0.54 9.19 -2.56
CA GLY B 80 0.43 9.43 -1.50
C GLY B 80 -0.20 9.28 -0.13
N GLY B 81 0.63 9.07 0.89
CA GLY B 81 0.16 8.87 2.26
C GLY B 81 -0.92 7.81 2.31
N GLY B 82 -2.05 8.17 2.91
CA GLY B 82 -3.24 7.34 2.82
C GLY B 82 -3.57 6.47 4.03
N VAL B 83 -2.82 6.64 5.12
CA VAL B 83 -3.10 5.91 6.36
C VAL B 83 -4.08 6.69 7.24
N ILE B 84 -5.34 6.28 7.22
CA ILE B 84 -6.35 6.91 8.08
C ILE B 84 -6.46 6.09 9.36
N ASP B 85 -5.87 6.62 10.42
N ASP B 85 -5.84 6.57 10.42
CA ASP B 85 -5.80 5.98 11.74
CA ASP B 85 -5.79 5.82 11.68
C ASP B 85 -7.18 5.82 12.36
C ASP B 85 -7.09 5.94 12.47
N GLU B 86 -7.24 5.05 13.44
CA GLU B 86 -8.46 4.86 14.19
C GLU B 86 -8.92 6.09 14.97
N ASP B 87 -7.98 6.93 15.39
CA ASP B 87 -8.34 8.15 16.13
C ASP B 87 -8.13 9.43 15.32
N TYR B 88 -8.26 9.32 14.00
CA TYR B 88 -8.31 10.49 13.13
C TYR B 88 -9.78 10.89 12.91
N ARG B 89 -10.13 12.10 13.35
CA ARG B 89 -11.53 12.54 13.36
C ARG B 89 -11.81 13.73 12.45
N GLY B 90 -10.85 14.07 11.58
CA GLY B 90 -11.00 15.22 10.70
C GLY B 90 -11.45 14.90 9.29
N ASN B 91 -11.66 15.96 8.50
CA ASN B 91 -11.91 15.90 7.06
C ASN B 91 -10.89 14.94 6.42
N ILE B 92 -11.39 13.90 5.76
CA ILE B 92 -10.50 12.92 5.12
C ILE B 92 -9.89 13.52 3.86
N GLY B 93 -8.56 13.56 3.82
CA GLY B 93 -7.83 14.06 2.67
C GLY B 93 -7.31 12.94 1.79
N VAL B 94 -7.15 13.23 0.49
CA VAL B 94 -6.59 12.28 -0.45
C VAL B 94 -5.45 12.94 -1.21
N ILE B 95 -4.24 12.42 -1.05
CA ILE B 95 -3.09 12.95 -1.77
C ILE B 95 -2.99 12.23 -3.11
N LEU B 96 -3.46 12.90 -4.17
CA LEU B 96 -3.25 12.45 -5.52
C LEU B 96 -1.91 13.00 -6.02
N ILE B 97 -1.12 12.14 -6.64
CA ILE B 97 0.12 12.54 -7.30
C ILE B 97 -0.05 12.35 -8.80
N ASN B 98 0.23 13.39 -9.57
CA ASN B 98 0.19 13.30 -11.02
C ASN B 98 1.55 12.90 -11.57
N ASN B 99 1.70 11.60 -11.82
CA ASN B 99 2.91 11.04 -12.42
C ASN B 99 2.72 10.78 -13.91
N GLY B 100 1.71 11.44 -14.48
CA GLY B 100 1.52 11.47 -15.93
C GLY B 100 2.29 12.61 -16.57
N LYS B 101 2.13 12.78 -17.89
CA LYS B 101 2.88 13.79 -18.62
C LYS B 101 2.07 15.08 -18.86
N CYS B 102 0.77 15.00 -18.59
CA CYS B 102 -0.13 16.14 -18.80
CA CYS B 102 -0.11 16.15 -18.80
C CYS B 102 -0.86 16.53 -17.52
N THR B 103 -1.29 17.79 -17.45
CA THR B 103 -2.07 18.33 -16.34
C THR B 103 -3.29 17.46 -16.03
N PHE B 104 -3.59 17.31 -14.75
CA PHE B 104 -4.74 16.53 -14.32
C PHE B 104 -5.82 17.41 -13.70
N ASN B 105 -7.04 17.30 -14.20
CA ASN B 105 -8.17 18.05 -13.67
C ASN B 105 -9.03 17.21 -12.72
N VAL B 106 -9.34 17.80 -11.57
CA VAL B 106 -10.28 17.20 -10.65
C VAL B 106 -11.49 18.12 -10.53
N ASN B 107 -12.66 17.61 -10.92
CA ASN B 107 -13.91 18.33 -10.79
C ASN B 107 -14.62 17.93 -9.51
N THR B 108 -15.29 18.89 -8.89
CA THR B 108 -16.13 18.63 -7.72
C THR B 108 -17.06 17.44 -8.01
N GLY B 109 -16.99 16.41 -7.17
CA GLY B 109 -17.84 15.24 -7.31
C GLY B 109 -17.21 14.04 -8.00
N ASP B 110 -16.01 14.23 -8.57
CA ASP B 110 -15.28 13.16 -9.24
C ASP B 110 -14.81 12.09 -8.27
N ARG B 111 -14.81 10.83 -8.73
CA ARG B 111 -14.31 9.71 -7.96
C ARG B 111 -12.78 9.73 -8.00
N ILE B 112 -12.17 9.80 -6.83
CA ILE B 112 -10.73 10.02 -6.74
C ILE B 112 -9.96 8.86 -6.11
N ALA B 113 -10.64 8.07 -5.29
CA ALA B 113 -10.00 6.94 -4.62
C ALA B 113 -11.04 5.97 -4.07
N GLN B 114 -10.56 4.93 -3.39
CA GLN B 114 -11.43 4.09 -2.58
C GLN B 114 -10.84 3.98 -1.18
N LEU B 115 -11.70 3.77 -0.19
CA LEU B 115 -11.23 3.59 1.18
C LEU B 115 -11.49 2.15 1.57
N ILE B 116 -10.42 1.47 1.98
CA ILE B 116 -10.47 0.06 2.39
C ILE B 116 -10.26 -0.04 3.90
N TYR B 117 -11.24 -0.64 4.59
CA TYR B 117 -11.16 -0.86 6.04
C TYR B 117 -10.32 -2.09 6.32
N GLN B 118 -9.04 -1.86 6.59
CA GLN B 118 -8.05 -2.92 6.64
C GLN B 118 -7.82 -3.38 8.07
N ARG B 119 -8.08 -4.66 8.31
CA ARG B 119 -7.91 -5.23 9.65
C ARG B 119 -6.45 -5.29 10.06
N ILE B 120 -6.16 -4.74 11.23
CA ILE B 120 -4.80 -4.72 11.78
C ILE B 120 -4.73 -5.27 13.21
N TYR B 121 -3.54 -5.22 13.77
CA TYR B 121 -3.22 -5.83 15.05
C TYR B 121 -2.37 -4.85 15.85
N TYR B 122 -2.63 -4.76 17.15
CA TYR B 122 -1.86 -3.89 18.03
C TYR B 122 -1.04 -4.72 19.02
N PRO B 123 0.04 -5.37 18.53
CA PRO B 123 0.75 -6.24 19.47
C PRO B 123 1.63 -5.44 20.40
N GLU B 124 1.99 -6.05 21.51
CA GLU B 124 2.92 -5.45 22.44
C GLU B 124 4.32 -5.63 21.86
N LEU B 125 5.23 -4.71 22.17
CA LEU B 125 6.64 -4.88 21.83
C LEU B 125 7.45 -5.20 23.08
N GLU B 126 8.49 -6.03 22.91
CA GLU B 126 9.38 -6.36 24.01
C GLU B 126 10.83 -6.49 23.52
N GLU B 127 11.70 -5.60 23.99
CA GLU B 127 13.10 -5.68 23.62
C GLU B 127 13.78 -6.92 24.21
N VAL B 128 14.56 -7.60 23.38
CA VAL B 128 15.40 -8.72 23.79
C VAL B 128 16.82 -8.54 23.25
N GLN B 129 17.72 -9.45 23.60
CA GLN B 129 19.10 -9.40 23.10
C GLN B 129 19.31 -10.26 21.84
N SER B 130 18.50 -11.30 21.68
CA SER B 130 18.45 -12.07 20.43
C SER B 130 17.05 -12.69 20.18
N LEU B 131 16.79 -13.00 18.92
CA LEU B 131 15.51 -13.61 18.50
C LEU B 131 15.65 -15.12 18.33
N ASN C 7 -12.40 -21.24 5.44
CA ASN C 7 -11.00 -21.07 4.95
C ASN C 7 -10.55 -22.27 4.11
N SER C 8 -11.18 -22.40 2.94
CA SER C 8 -10.90 -23.45 1.96
C SER C 8 -9.99 -22.94 0.83
N PRO C 9 -9.69 -23.78 -0.19
CA PRO C 9 -8.79 -23.38 -1.27
C PRO C 9 -9.26 -22.20 -2.12
N VAL C 10 -8.30 -21.38 -2.56
CA VAL C 10 -8.56 -20.35 -3.55
C VAL C 10 -8.30 -20.95 -4.92
N ARG C 11 -9.33 -20.95 -5.75
CA ARG C 11 -9.23 -21.50 -7.10
C ARG C 11 -8.65 -20.47 -8.07
N PHE C 12 -7.67 -20.89 -8.86
CA PHE C 12 -7.13 -20.04 -9.90
C PHE C 12 -7.11 -20.75 -11.25
N VAL C 13 -7.29 -19.97 -12.31
CA VAL C 13 -7.28 -20.48 -13.68
C VAL C 13 -6.07 -19.89 -14.42
N LYS C 14 -5.33 -20.75 -15.11
CA LYS C 14 -4.33 -20.30 -16.06
C LYS C 14 -5.03 -20.06 -17.39
N GLU C 15 -5.03 -18.80 -17.83
CA GLU C 15 -5.68 -18.43 -19.08
C GLU C 15 -4.95 -18.99 -20.30
N THR C 16 -3.62 -19.03 -20.22
CA THR C 16 -2.81 -19.62 -21.28
C THR C 16 -1.69 -20.50 -20.70
N ASN C 17 -0.94 -21.15 -21.60
CA ASN C 17 0.20 -21.97 -21.19
C ASN C 17 1.38 -21.12 -20.67
N ARG C 18 1.28 -19.81 -20.82
CA ARG C 18 2.37 -18.90 -20.42
C ARG C 18 2.34 -18.54 -18.93
N ALA C 19 1.16 -18.61 -18.34
CA ALA C 19 0.95 -18.29 -16.94
C ALA C 19 1.69 -19.26 -16.02
N LYS C 20 2.23 -18.73 -14.93
CA LYS C 20 2.86 -19.52 -13.88
C LYS C 20 2.01 -19.46 -12.62
N SER C 21 1.84 -20.61 -11.97
CA SER C 21 1.10 -20.70 -10.71
C SER C 21 1.73 -19.80 -9.66
N PRO C 22 0.93 -18.93 -9.00
CA PRO C 22 1.46 -18.11 -7.92
C PRO C 22 1.98 -18.99 -6.78
N THR C 23 3.11 -18.58 -6.19
CA THR C 23 3.74 -19.35 -5.13
C THR C 23 4.22 -18.47 -3.99
N ARG C 24 4.25 -19.05 -2.79
CA ARG C 24 4.89 -18.42 -1.66
C ARG C 24 6.31 -18.96 -1.50
N GLN C 25 7.27 -18.03 -1.43
CA GLN C 25 8.69 -18.34 -1.27
C GLN C 25 8.92 -19.26 -0.09
N SER C 26 8.30 -18.88 1.02
CA SER C 26 8.49 -19.54 2.31
C SER C 26 7.16 -19.59 3.07
N PRO C 27 7.01 -20.53 4.02
CA PRO C 27 5.79 -20.61 4.84
C PRO C 27 5.43 -19.33 5.61
N GLY C 28 6.38 -18.41 5.75
CA GLY C 28 6.14 -17.14 6.44
C GLY C 28 6.14 -15.94 5.51
N ALA C 29 6.17 -16.18 4.20
CA ALA C 29 6.13 -15.11 3.22
C ALA C 29 4.76 -14.44 3.24
N ALA C 30 4.73 -13.13 3.02
CA ALA C 30 3.49 -12.35 3.09
C ALA C 30 2.52 -12.69 1.97
N GLY C 31 3.05 -12.85 0.76
CA GLY C 31 2.21 -12.99 -0.41
C GLY C 31 2.64 -14.04 -1.40
N TYR C 32 1.81 -14.20 -2.43
CA TYR C 32 2.00 -15.17 -3.51
C TYR C 32 2.57 -14.46 -4.72
N ASP C 33 3.70 -14.95 -5.21
CA ASP C 33 4.46 -14.27 -6.26
C ASP C 33 3.79 -14.38 -7.63
N LEU C 34 3.68 -13.24 -8.30
CA LEU C 34 3.09 -13.15 -9.63
C LEU C 34 4.18 -12.95 -10.70
N TYR C 35 3.93 -13.50 -11.88
CA TYR C 35 4.93 -13.64 -12.94
C TYR C 35 4.40 -13.08 -14.25
N SER C 36 5.27 -12.43 -15.01
CA SER C 36 4.93 -11.93 -16.33
C SER C 36 4.74 -13.09 -17.30
N ALA C 37 3.60 -13.08 -17.99
CA ALA C 37 3.30 -14.07 -19.02
C ALA C 37 3.82 -13.64 -20.39
N TYR C 38 4.33 -12.41 -20.48
CA TYR C 38 4.81 -11.84 -21.75
C TYR C 38 6.10 -11.05 -21.59
N ASP C 39 6.65 -10.58 -22.71
CA ASP C 39 7.93 -9.87 -22.73
C ASP C 39 7.71 -8.38 -22.95
N TYR C 40 8.27 -7.58 -22.03
CA TYR C 40 8.06 -6.14 -22.05
C TYR C 40 9.37 -5.36 -21.90
N THR C 41 9.34 -4.14 -22.41
CA THR C 41 10.39 -3.15 -22.20
C THR C 41 9.73 -1.91 -21.63
N ILE C 42 10.14 -1.51 -20.43
CA ILE C 42 9.65 -0.28 -19.82
C ILE C 42 10.79 0.73 -19.71
N PRO C 43 10.70 1.84 -20.48
CA PRO C 43 11.70 2.91 -20.43
C PRO C 43 11.57 3.73 -19.15
N PRO C 44 12.66 4.40 -18.72
CA PRO C 44 12.62 5.25 -17.51
C PRO C 44 11.52 6.30 -17.59
N GLY C 45 10.79 6.50 -16.48
CA GLY C 45 9.70 7.46 -16.43
C GLY C 45 8.37 7.01 -17.04
N GLU C 46 8.30 5.74 -17.40
CA GLU C 46 7.05 5.14 -17.94
C GLU C 46 6.53 4.02 -17.04
N ARG C 47 5.24 3.72 -17.18
CA ARG C 47 4.63 2.55 -16.54
C ARG C 47 4.03 1.61 -17.58
N GLN C 48 3.93 0.33 -17.22
CA GLN C 48 3.39 -0.69 -18.11
C GLN C 48 2.55 -1.70 -17.32
N LEU C 49 1.33 -1.94 -17.79
CA LEU C 49 0.51 -3.03 -17.28
C LEU C 49 1.03 -4.37 -17.82
N ILE C 50 1.57 -5.17 -16.90
CA ILE C 50 2.08 -6.50 -17.20
C ILE C 50 0.99 -7.56 -16.98
N LYS C 51 0.86 -8.50 -17.91
CA LYS C 51 -0.19 -9.52 -17.83
C LYS C 51 0.32 -10.84 -17.24
N THR C 52 -0.46 -11.43 -16.34
CA THR C 52 -0.12 -12.67 -15.64
C THR C 52 -0.72 -13.89 -16.33
N ASP C 53 -1.85 -13.68 -17.01
CA ASP C 53 -2.67 -14.74 -17.60
C ASP C 53 -3.23 -15.67 -16.51
N ILE C 54 -3.25 -15.16 -15.28
CA ILE C 54 -3.90 -15.82 -14.14
C ILE C 54 -5.22 -15.13 -13.81
N SER C 55 -6.25 -15.92 -13.59
CA SER C 55 -7.48 -15.42 -12.99
C SER C 55 -7.82 -16.26 -11.76
N MET C 56 -8.30 -15.60 -10.71
CA MET C 56 -8.69 -16.32 -9.51
C MET C 56 -10.01 -15.85 -8.91
N SER C 57 -10.69 -16.79 -8.26
CA SER C 57 -11.87 -16.47 -7.46
C SER C 57 -11.39 -16.18 -6.04
N MET C 58 -11.44 -14.90 -5.70
CA MET C 58 -10.81 -14.35 -4.51
C MET C 58 -11.58 -14.73 -3.24
N PRO C 59 -10.86 -14.90 -2.11
CA PRO C 59 -11.53 -15.30 -0.87
C PRO C 59 -12.45 -14.23 -0.30
N LYS C 60 -13.34 -14.61 0.60
CA LYS C 60 -14.31 -13.69 1.17
C LYS C 60 -13.70 -12.79 2.25
N PHE C 61 -14.24 -11.59 2.36
CA PHE C 61 -13.84 -10.56 3.34
C PHE C 61 -12.35 -10.22 3.25
N CYS C 62 -11.82 -10.33 2.03
CA CYS C 62 -10.43 -10.02 1.72
C CYS C 62 -10.36 -9.22 0.44
N TYR C 63 -9.17 -8.69 0.15
CA TYR C 63 -8.81 -8.25 -1.19
C TYR C 63 -7.37 -8.64 -1.46
N GLY C 64 -7.00 -8.69 -2.73
CA GLY C 64 -5.62 -8.96 -3.12
C GLY C 64 -4.84 -7.67 -3.35
N ARG C 65 -3.83 -7.44 -2.53
CA ARG C 65 -2.93 -6.32 -2.75
C ARG C 65 -1.79 -6.78 -3.64
N ILE C 66 -1.67 -6.14 -4.82
CA ILE C 66 -0.47 -6.32 -5.64
C ILE C 66 0.64 -5.51 -4.96
N ALA C 67 1.44 -6.21 -4.16
CA ALA C 67 2.49 -5.59 -3.37
C ALA C 67 3.85 -5.70 -4.02
N PRO C 68 4.73 -4.72 -3.74
CA PRO C 68 6.04 -4.68 -4.36
C PRO C 68 7.01 -5.70 -3.78
N ARG C 69 7.79 -6.31 -4.66
CA ARG C 69 8.97 -7.05 -4.28
C ARG C 69 10.08 -6.04 -3.97
N SER C 70 10.76 -6.24 -2.85
CA SER C 70 11.75 -5.28 -2.37
C SER C 70 12.99 -5.16 -3.26
N GLY C 71 13.43 -6.27 -3.84
CA GLY C 71 14.55 -6.25 -4.80
C GLY C 71 14.35 -5.25 -5.94
N LEU C 72 13.18 -5.32 -6.58
CA LEU C 72 12.83 -4.45 -7.70
C LEU C 72 12.63 -2.99 -7.25
N SER C 73 12.20 -2.82 -6.01
CA SER C 73 11.95 -1.50 -5.45
C SER C 73 13.25 -0.74 -5.19
N LEU C 74 14.29 -1.48 -4.79
CA LEU C 74 15.63 -0.92 -4.60
C LEU C 74 16.24 -0.52 -5.93
N LYS C 75 15.77 -1.13 -7.01
CA LYS C 75 16.16 -0.77 -8.38
C LYS C 75 15.30 0.37 -8.95
N GLY C 76 14.29 0.80 -8.19
CA GLY C 76 13.42 1.89 -8.61
C GLY C 76 12.16 1.46 -9.34
N ILE C 77 11.69 0.25 -9.08
CA ILE C 77 10.47 -0.29 -9.70
C ILE C 77 9.35 -0.37 -8.66
N ASP C 78 8.33 0.47 -8.84
CA ASP C 78 7.20 0.56 -7.92
C ASP C 78 5.92 -0.04 -8.53
N ILE C 79 4.88 -0.16 -7.71
CA ILE C 79 3.60 -0.69 -8.17
C ILE C 79 2.54 0.41 -8.24
N GLY C 80 1.86 0.50 -9.37
CA GLY C 80 0.67 1.36 -9.50
C GLY C 80 -0.60 0.55 -9.32
N GLY C 81 -1.62 1.17 -8.74
CA GLY C 81 -2.90 0.51 -8.48
C GLY C 81 -2.74 -0.65 -7.52
N GLY C 82 -3.17 -1.83 -7.97
CA GLY C 82 -2.94 -3.07 -7.23
C GLY C 82 -4.03 -3.55 -6.30
N VAL C 83 -5.22 -2.99 -6.41
CA VAL C 83 -6.36 -3.46 -5.61
C VAL C 83 -7.18 -4.47 -6.41
N ILE C 84 -6.94 -5.76 -6.15
CA ILE C 84 -7.76 -6.82 -6.75
C ILE C 84 -8.97 -7.08 -5.86
N ASP C 85 -10.14 -6.68 -6.35
CA ASP C 85 -11.42 -6.83 -5.62
C ASP C 85 -11.81 -8.29 -5.45
N GLU C 86 -12.51 -8.57 -4.35
CA GLU C 86 -13.09 -9.88 -4.06
C GLU C 86 -13.91 -10.49 -5.21
N ASP C 87 -14.60 -9.64 -5.98
CA ASP C 87 -15.48 -10.14 -7.05
C ASP C 87 -14.89 -10.03 -8.45
N TYR C 88 -13.61 -9.64 -8.53
CA TYR C 88 -12.92 -9.55 -9.81
C TYR C 88 -12.52 -10.93 -10.32
N ARG C 89 -12.85 -11.21 -11.57
CA ARG C 89 -12.62 -12.54 -12.17
C ARG C 89 -11.74 -12.55 -13.43
N GLY C 90 -11.11 -11.42 -13.74
CA GLY C 90 -10.34 -11.29 -14.98
C GLY C 90 -8.87 -11.62 -14.86
N ASN C 91 -8.18 -11.64 -16.00
CA ASN C 91 -6.74 -11.81 -16.07
C ASN C 91 -6.09 -10.77 -15.18
N ILE C 92 -5.41 -11.21 -14.14
CA ILE C 92 -4.73 -10.29 -13.22
C ILE C 92 -3.58 -9.58 -13.92
N GLY C 93 -3.54 -8.26 -13.76
CA GLY C 93 -2.51 -7.42 -14.36
C GLY C 93 -1.77 -6.60 -13.33
N VAL C 94 -0.48 -6.38 -13.57
CA VAL C 94 0.36 -5.63 -12.64
C VAL C 94 0.90 -4.38 -13.34
N ILE C 95 0.65 -3.21 -12.77
CA ILE C 95 1.25 -1.97 -13.26
C ILE C 95 2.62 -1.80 -12.62
N LEU C 96 3.67 -1.98 -13.43
CA LEU C 96 5.05 -1.71 -13.00
C LEU C 96 5.47 -0.32 -13.45
N ILE C 97 5.91 0.50 -12.50
CA ILE C 97 6.41 1.85 -12.77
C ILE C 97 7.94 1.87 -12.73
N ASN C 98 8.56 2.09 -13.89
CA ASN C 98 10.01 2.31 -13.95
C ASN C 98 10.33 3.73 -13.51
N ASN C 99 10.67 3.86 -12.24
CA ASN C 99 11.17 5.10 -11.68
C ASN C 99 12.69 5.05 -11.55
N GLY C 100 13.28 4.03 -12.16
CA GLY C 100 14.74 3.92 -12.27
C GLY C 100 15.24 4.79 -13.40
N LYS C 101 16.57 4.85 -13.56
CA LYS C 101 17.18 5.76 -14.52
C LYS C 101 17.31 5.18 -15.93
N CYS C 102 17.40 3.86 -16.04
N CYS C 102 17.38 3.85 -16.02
CA CYS C 102 17.48 3.21 -17.34
CA CYS C 102 17.52 3.14 -17.29
C CYS C 102 16.36 2.20 -17.58
C CYS C 102 16.33 2.23 -17.59
N THR C 103 16.26 1.75 -18.82
CA THR C 103 15.22 0.82 -19.26
C THR C 103 15.20 -0.48 -18.44
N PHE C 104 14.01 -0.89 -18.05
CA PHE C 104 13.81 -2.13 -17.30
C PHE C 104 13.12 -3.17 -18.17
N ASN C 105 13.75 -4.34 -18.28
CA ASN C 105 13.24 -5.40 -19.12
C ASN C 105 12.43 -6.42 -18.33
N VAL C 106 11.25 -6.73 -18.83
CA VAL C 106 10.42 -7.80 -18.27
C VAL C 106 10.43 -8.98 -19.24
N ASN C 107 10.90 -10.13 -18.76
CA ASN C 107 10.87 -11.37 -19.55
C ASN C 107 9.74 -12.28 -19.07
N THR C 108 9.29 -13.18 -19.94
CA THR C 108 8.29 -14.18 -19.56
C THR C 108 8.86 -15.06 -18.46
N GLY C 109 8.09 -15.23 -17.38
CA GLY C 109 8.53 -16.07 -16.25
C GLY C 109 9.12 -15.28 -15.10
N ASP C 110 9.47 -14.02 -15.36
CA ASP C 110 10.02 -13.13 -14.35
C ASP C 110 9.01 -12.81 -13.26
N ARG C 111 9.46 -12.90 -12.01
CA ARG C 111 8.66 -12.48 -10.87
C ARG C 111 8.60 -10.95 -10.84
N ILE C 112 7.37 -10.43 -10.70
CA ILE C 112 7.13 -9.00 -10.85
C ILE C 112 6.45 -8.33 -9.65
N ALA C 113 5.84 -9.13 -8.78
CA ALA C 113 5.13 -8.60 -7.61
C ALA C 113 4.75 -9.73 -6.66
N GLN C 114 4.22 -9.37 -5.50
CA GLN C 114 3.65 -10.36 -4.58
C GLN C 114 2.21 -9.98 -4.22
N LEU C 115 1.30 -10.91 -4.46
CA LEU C 115 -0.11 -10.74 -4.16
C LEU C 115 -0.42 -11.16 -2.72
N ILE C 116 -0.76 -10.18 -1.89
CA ILE C 116 -1.13 -10.42 -0.48
C ILE C 116 -2.65 -10.41 -0.29
N TYR C 117 -3.18 -11.45 0.34
CA TYR C 117 -4.59 -11.53 0.72
C TYR C 117 -4.86 -10.79 2.01
N GLN C 118 -5.16 -9.51 1.88
CA GLN C 118 -5.34 -8.65 3.04
C GLN C 118 -6.77 -8.71 3.56
N ARG C 119 -6.90 -8.99 4.86
CA ARG C 119 -8.21 -9.12 5.49
C ARG C 119 -8.87 -7.77 5.76
N ILE C 120 -10.12 -7.63 5.32
CA ILE C 120 -10.82 -6.35 5.37
C ILE C 120 -12.23 -6.43 5.93
N TYR C 121 -12.76 -5.28 6.35
CA TYR C 121 -14.12 -5.18 6.87
C TYR C 121 -15.05 -4.50 5.87
N TYR C 122 -16.31 -4.93 5.84
CA TYR C 122 -17.33 -4.26 5.03
C TYR C 122 -18.42 -3.64 5.93
N PRO C 123 -18.12 -2.49 6.57
CA PRO C 123 -19.10 -1.95 7.51
C PRO C 123 -20.22 -1.23 6.79
N GLU C 124 -21.35 -1.09 7.48
CA GLU C 124 -22.42 -0.21 7.03
C GLU C 124 -22.05 1.23 7.40
N LEU C 125 -22.31 2.14 6.47
CA LEU C 125 -22.09 3.57 6.71
C LEU C 125 -23.38 4.27 7.12
N GLU C 126 -23.29 5.11 8.14
CA GLU C 126 -24.44 5.82 8.68
C GLU C 126 -24.13 7.32 8.80
N GLU C 127 -24.87 8.13 8.07
CA GLU C 127 -24.67 9.58 8.08
C GLU C 127 -25.17 10.21 9.38
N VAL C 128 -24.33 11.00 10.02
CA VAL C 128 -24.69 11.65 11.29
C VAL C 128 -24.47 13.18 11.29
N GLN C 129 -24.94 13.81 12.35
CA GLN C 129 -24.85 15.26 12.54
C GLN C 129 -23.47 15.62 13.08
N SER C 130 -23.04 14.88 14.10
CA SER C 130 -21.67 15.00 14.63
C SER C 130 -21.19 13.65 15.17
N LEU C 131 -19.91 13.56 15.47
CA LEU C 131 -19.32 12.33 16.01
C LEU C 131 -19.05 12.44 17.52
#